data_5C2K
#
_entry.id   5C2K
#
_cell.length_a   44.491
_cell.length_b   77.041
_cell.length_c   62.253
_cell.angle_alpha   90.00
_cell.angle_beta   108.53
_cell.angle_gamma   90.00
#
_symmetry.space_group_name_H-M   'P 1 21 1'
#
loop_
_entity.id
_entity.type
_entity.pdbx_description
1 polymer 'Transforming protein RhoA,Rac GTPase-activating protein 1'
2 non-polymer 'MAGNESIUM ION'
3 non-polymer 'ALUMINUM FLUORIDE'
4 non-polymer "GUANOSINE-5'-DIPHOSPHATE"
5 water water
#
_entity_poly.entity_id   1
_entity_poly.type   'polypeptide(L)'
_entity_poly.pdbx_seq_one_letter_code
;GSSGSSGMAAIRKKLVIVGDGACGKTCLLIVFSKDQFPEVYVPTVFENYVADIEVDGKQVELALWDTAGQEDYDRLRPLS
YPDTDVILMCFSIDSPDSLENIPEKWTPEVKHFCPNVPIILVGNKKDLRNDEHTRRELAKMKQEPVKPEEGRDMANRIGA
FGYMECSAKTKDGVREVFEMATRAALQARRGKKKSGCLVLSGSSGSSGSSGSSGIGEGMLADFVSQTSPMIPSIVVHCVN
EIEQRGLTETGLYRIDGCDRTVKELKEKFLRVKTVPLLSKVDDIHAICSLLKDFLRNLKEPLLTFRLNRAFMEAAEITDE
DNSIAAMYQAVGELPQANRDTLAFLMIHLQRVAQSPHTKMDVANLAKVFGPTIVAHAVPNPDPVTMSQDIKRQPKVVERL
LSLPLEYWSQFMMVE
;
_entity_poly.pdbx_strand_id   A
#
# COMPACT_ATOMS: atom_id res chain seq x y z
N ALA A 9 -20.35 -20.58 -24.82
CA ALA A 9 -19.33 -20.22 -23.79
C ALA A 9 -19.33 -18.72 -23.54
N ALA A 10 -18.99 -18.33 -22.32
CA ALA A 10 -18.95 -16.92 -21.96
C ALA A 10 -17.68 -16.25 -22.46
N ILE A 11 -17.76 -14.94 -22.68
CA ILE A 11 -16.62 -14.15 -23.14
C ILE A 11 -15.81 -13.80 -21.90
N ARG A 12 -14.51 -14.09 -21.93
CA ARG A 12 -13.66 -13.79 -20.78
C ARG A 12 -12.89 -12.49 -20.94
N LYS A 13 -12.86 -11.70 -19.87
CA LYS A 13 -12.15 -10.42 -19.87
C LYS A 13 -11.42 -10.27 -18.55
N LYS A 14 -10.23 -9.68 -18.61
CA LYS A 14 -9.41 -9.46 -17.42
C LYS A 14 -9.53 -8.00 -16.98
N LEU A 15 -9.94 -7.82 -15.72
CA LEU A 15 -10.10 -6.50 -15.14
C LEU A 15 -9.16 -6.34 -13.95
N VAL A 16 -8.39 -5.27 -13.94
CA VAL A 16 -7.45 -5.01 -12.85
C VAL A 16 -7.89 -3.72 -12.17
N ILE A 17 -7.93 -3.74 -10.84
CA ILE A 17 -8.33 -2.56 -10.10
C ILE A 17 -7.13 -1.98 -9.36
N VAL A 18 -6.96 -0.67 -9.44
CA VAL A 18 -5.86 0.02 -8.78
C VAL A 18 -6.35 1.30 -8.13
N GLY A 19 -5.52 1.87 -7.27
CA GLY A 19 -5.89 3.09 -6.56
C GLY A 19 -5.30 3.09 -5.16
N ASP A 20 -5.31 4.24 -4.51
CA ASP A 20 -4.74 4.39 -3.17
C ASP A 20 -5.21 3.38 -2.14
N GLY A 21 -4.31 3.07 -1.21
CA GLY A 21 -4.65 2.14 -0.15
C GLY A 21 -5.86 2.61 0.64
N ALA A 22 -6.73 1.66 0.97
CA ALA A 22 -7.96 1.91 1.73
C ALA A 22 -9.02 2.75 1.03
N CYS A 23 -8.93 2.91 -0.29
CA CYS A 23 -9.94 3.72 -0.98
C CYS A 23 -11.21 2.94 -1.35
N GLY A 24 -11.26 1.65 -1.02
CA GLY A 24 -12.44 0.85 -1.27
C GLY A 24 -12.45 -0.14 -2.41
N LYS A 25 -11.27 -0.47 -2.94
CA LYS A 25 -11.17 -1.41 -4.05
C LYS A 25 -11.72 -2.80 -3.77
N THR A 26 -11.27 -3.42 -2.68
CA THR A 26 -11.72 -4.76 -2.36
C THR A 26 -13.21 -4.82 -2.05
N CYS A 27 -13.71 -3.84 -1.30
CA CYS A 27 -15.13 -3.85 -0.97
C CYS A 27 -15.96 -3.75 -2.25
N LEU A 28 -15.48 -2.99 -3.22
CA LEU A 28 -16.21 -2.87 -4.48
C LEU A 28 -16.23 -4.21 -5.21
N LEU A 29 -15.08 -4.88 -5.28
CA LEU A 29 -15.02 -6.17 -5.98
C LEU A 29 -15.85 -7.24 -5.30
N ILE A 30 -15.83 -7.26 -3.98
CA ILE A 30 -16.57 -8.28 -3.23
C ILE A 30 -18.08 -8.04 -3.23
N VAL A 31 -18.49 -6.78 -3.15
CA VAL A 31 -19.92 -6.51 -3.18
C VAL A 31 -20.46 -6.94 -4.54
N PHE A 32 -19.70 -6.69 -5.59
CA PHE A 32 -20.11 -7.06 -6.93
C PHE A 32 -20.10 -8.56 -7.19
N SER A 33 -19.03 -9.23 -6.76
CA SER A 33 -18.90 -10.67 -6.99
C SER A 33 -19.60 -11.60 -6.00
N LYS A 34 -19.75 -11.15 -4.75
CA LYS A 34 -20.38 -11.97 -3.71
C LYS A 34 -21.65 -11.35 -3.12
N ASP A 35 -21.93 -10.10 -3.48
CA ASP A 35 -23.09 -9.38 -2.98
C ASP A 35 -23.07 -9.26 -1.45
N GLN A 36 -21.86 -9.17 -0.90
CA GLN A 36 -21.69 -9.03 0.54
C GLN A 36 -20.59 -8.01 0.82
N PHE A 37 -20.84 -7.10 1.74
CA PHE A 37 -19.88 -6.07 2.11
C PHE A 37 -18.94 -6.57 3.21
N PRO A 38 -17.63 -6.65 2.92
CA PRO A 38 -16.65 -7.11 3.91
C PRO A 38 -16.58 -6.10 5.06
N GLU A 39 -16.54 -6.59 6.30
CA GLU A 39 -16.49 -5.69 7.44
C GLU A 39 -15.10 -5.53 8.05
N VAL A 40 -14.19 -6.46 7.73
CA VAL A 40 -12.84 -6.40 8.28
C VAL A 40 -11.97 -5.30 7.69
N TYR A 41 -10.95 -4.91 8.45
CA TYR A 41 -10.01 -3.88 8.01
C TYR A 41 -8.71 -4.63 7.75
N VAL A 42 -8.53 -5.04 6.50
CA VAL A 42 -7.36 -5.81 6.10
C VAL A 42 -6.87 -5.40 4.72
N PRO A 43 -5.60 -4.99 4.60
CA PRO A 43 -5.08 -4.59 3.29
C PRO A 43 -4.81 -5.81 2.41
N THR A 44 -5.07 -5.66 1.12
CA THR A 44 -4.86 -6.70 0.12
C THR A 44 -3.41 -6.69 -0.35
N VAL A 45 -2.89 -7.87 -0.68
CA VAL A 45 -1.54 -7.96 -1.26
C VAL A 45 -1.91 -8.22 -2.73
N PHE A 46 -2.32 -9.45 -3.04
CA PHE A 46 -2.78 -9.82 -4.39
C PHE A 46 -3.84 -10.91 -4.24
N GLU A 47 -4.99 -10.74 -4.87
CA GLU A 47 -6.07 -11.72 -4.82
C GLU A 47 -6.80 -11.72 -6.15
N ASN A 48 -7.40 -12.84 -6.52
CA ASN A 48 -8.13 -12.97 -7.78
C ASN A 48 -9.55 -13.45 -7.52
N TYR A 49 -10.52 -12.83 -8.19
CA TYR A 49 -11.93 -13.21 -8.05
C TYR A 49 -12.56 -13.37 -9.42
N VAL A 50 -13.76 -13.95 -9.45
CA VAL A 50 -14.48 -14.15 -10.70
C VAL A 50 -15.91 -13.67 -10.52
N ALA A 51 -16.42 -12.98 -11.53
CA ALA A 51 -17.78 -12.46 -11.49
C ALA A 51 -18.41 -12.53 -12.89
N ASP A 52 -19.72 -12.77 -12.92
CA ASP A 52 -20.44 -12.87 -14.18
C ASP A 52 -21.30 -11.63 -14.39
N ILE A 53 -21.52 -11.27 -15.65
CA ILE A 53 -22.36 -10.12 -15.98
C ILE A 53 -22.88 -10.25 -17.40
N GLU A 54 -24.12 -9.82 -17.61
CA GLU A 54 -24.75 -9.85 -18.93
C GLU A 54 -24.76 -8.42 -19.44
N VAL A 55 -24.10 -8.19 -20.57
CA VAL A 55 -24.03 -6.85 -21.15
C VAL A 55 -24.29 -6.87 -22.65
N ASP A 56 -25.20 -6.02 -23.09
CA ASP A 56 -25.58 -5.91 -24.50
C ASP A 56 -25.75 -7.26 -25.18
N GLY A 57 -26.54 -8.12 -24.55
CA GLY A 57 -26.82 -9.44 -25.11
C GLY A 57 -25.70 -10.46 -25.04
N LYS A 58 -24.64 -10.13 -24.31
CA LYS A 58 -23.50 -11.05 -24.19
C LYS A 58 -23.22 -11.47 -22.76
N GLN A 59 -22.88 -12.75 -22.57
CA GLN A 59 -22.56 -13.27 -21.25
C GLN A 59 -21.05 -13.12 -21.10
N VAL A 60 -20.63 -12.37 -20.09
CA VAL A 60 -19.21 -12.13 -19.86
C VAL A 60 -18.72 -12.61 -18.50
N GLU A 61 -17.57 -13.27 -18.51
CA GLU A 61 -16.96 -13.76 -17.28
C GLU A 61 -15.78 -12.84 -16.98
N LEU A 62 -15.88 -12.06 -15.92
CA LEU A 62 -14.82 -11.14 -15.55
C LEU A 62 -13.88 -11.69 -14.51
N ALA A 63 -12.58 -11.69 -14.82
CA ALA A 63 -11.57 -12.12 -13.85
C ALA A 63 -11.19 -10.81 -13.17
N LEU A 64 -11.43 -10.73 -11.87
CA LEU A 64 -11.14 -9.52 -11.10
C LEU A 64 -9.82 -9.64 -10.36
N TRP A 65 -8.83 -8.84 -10.78
CA TRP A 65 -7.51 -8.85 -10.17
C TRP A 65 -7.38 -7.72 -9.15
N ASP A 66 -7.34 -8.10 -7.87
CA ASP A 66 -7.24 -7.15 -6.76
C ASP A 66 -5.77 -6.89 -6.44
N THR A 67 -5.43 -5.62 -6.18
CA THR A 67 -4.06 -5.24 -5.90
C THR A 67 -3.89 -4.35 -4.68
N ALA A 68 -2.65 -4.21 -4.25
CA ALA A 68 -2.31 -3.38 -3.10
C ALA A 68 -2.04 -1.94 -3.59
N GLY A 69 -2.67 -0.97 -2.94
CA GLY A 69 -2.48 0.42 -3.36
C GLY A 69 -1.27 1.10 -2.74
N GLN A 70 -0.66 0.46 -1.74
CA GLN A 70 0.51 1.06 -1.07
C GLN A 70 1.70 1.21 -1.99
N GLU A 71 2.47 2.28 -1.78
CA GLU A 71 3.67 2.53 -2.57
C GLU A 71 4.67 1.39 -2.38
N ASP A 72 4.56 0.69 -1.26
CA ASP A 72 5.46 -0.42 -0.97
C ASP A 72 5.38 -1.52 -2.02
N TYR A 73 4.24 -1.59 -2.71
CA TYR A 73 4.04 -2.60 -3.75
C TYR A 73 4.23 -2.09 -5.17
N ASP A 74 4.85 -0.93 -5.32
CA ASP A 74 5.07 -0.36 -6.65
C ASP A 74 5.90 -1.27 -7.56
N ARG A 75 6.86 -2.00 -7.01
CA ARG A 75 7.69 -2.89 -7.82
C ARG A 75 7.00 -4.20 -8.16
N LEU A 76 6.12 -4.66 -7.30
CA LEU A 76 5.41 -5.92 -7.49
C LEU A 76 4.09 -5.81 -8.25
N ARG A 77 3.38 -4.71 -8.07
CA ARG A 77 2.08 -4.54 -8.72
C ARG A 77 2.07 -4.80 -10.24
N PRO A 78 3.09 -4.33 -10.98
CA PRO A 78 3.11 -4.55 -12.43
C PRO A 78 3.00 -6.01 -12.89
N LEU A 79 3.23 -6.95 -11.98
CA LEU A 79 3.12 -8.36 -12.32
C LEU A 79 1.67 -8.69 -12.72
N SER A 80 0.74 -7.85 -12.29
N SER A 80 0.73 -7.87 -12.29
CA SER A 80 -0.68 -8.06 -12.57
CA SER A 80 -0.68 -8.12 -12.60
C SER A 80 -1.17 -7.48 -13.89
C SER A 80 -1.17 -7.49 -13.89
N TYR A 81 -0.39 -6.59 -14.48
CA TYR A 81 -0.80 -5.91 -15.72
C TYR A 81 -0.88 -6.63 -17.06
N PRO A 82 0.00 -7.59 -17.34
CA PRO A 82 -0.10 -8.25 -18.65
C PRO A 82 -1.49 -8.77 -19.04
N ASP A 83 -1.86 -8.54 -20.30
CA ASP A 83 -3.13 -9.00 -20.85
C ASP A 83 -4.40 -8.41 -20.23
N THR A 84 -4.28 -7.26 -19.59
CA THR A 84 -5.44 -6.63 -18.98
C THR A 84 -6.33 -6.06 -20.08
N ASP A 85 -7.65 -6.23 -19.92
CA ASP A 85 -8.60 -5.73 -20.92
C ASP A 85 -9.22 -4.40 -20.52
N VAL A 86 -9.33 -4.16 -19.22
CA VAL A 86 -9.88 -2.91 -18.71
C VAL A 86 -9.37 -2.66 -17.30
N ILE A 87 -9.17 -1.39 -16.98
CA ILE A 87 -8.67 -0.97 -15.68
C ILE A 87 -9.72 -0.15 -14.92
N LEU A 88 -9.90 -0.46 -13.65
CA LEU A 88 -10.77 0.33 -12.79
C LEU A 88 -9.77 1.12 -11.95
N MET A 89 -9.72 2.43 -12.16
CA MET A 89 -8.80 3.30 -11.42
C MET A 89 -9.64 4.03 -10.38
N CYS A 90 -9.42 3.71 -9.12
CA CYS A 90 -10.22 4.28 -8.04
C CYS A 90 -9.60 5.31 -7.13
N PHE A 91 -10.49 6.10 -6.54
CA PHE A 91 -10.13 7.08 -5.52
C PHE A 91 -11.39 7.09 -4.65
N SER A 92 -11.29 7.69 -3.46
N SER A 92 -11.30 7.67 -3.46
CA SER A 92 -12.45 7.77 -2.58
CA SER A 92 -12.45 7.75 -2.57
C SER A 92 -12.97 9.19 -2.52
C SER A 92 -12.98 9.18 -2.48
N ILE A 93 -14.29 9.33 -2.56
CA ILE A 93 -14.92 10.63 -2.51
C ILE A 93 -14.67 11.36 -1.18
N ASP A 94 -14.32 10.61 -0.13
CA ASP A 94 -14.04 11.22 1.16
C ASP A 94 -12.54 11.50 1.32
N SER A 95 -11.78 11.37 0.21
CA SER A 95 -10.35 11.61 0.24
C SER A 95 -9.83 12.40 -0.95
N PRO A 96 -9.80 13.74 -0.85
CA PRO A 96 -9.31 14.56 -1.96
C PRO A 96 -7.88 14.17 -2.33
N ASP A 97 -7.11 13.73 -1.33
CA ASP A 97 -5.72 13.32 -1.57
C ASP A 97 -5.68 12.11 -2.52
N SER A 98 -6.59 11.16 -2.35
CA SER A 98 -6.62 10.00 -3.24
C SER A 98 -6.91 10.42 -4.67
N LEU A 99 -7.67 11.50 -4.84
CA LEU A 99 -7.98 11.99 -6.19
C LEU A 99 -6.73 12.67 -6.75
N GLU A 100 -6.00 13.38 -5.90
CA GLU A 100 -4.78 14.05 -6.33
C GLU A 100 -3.79 13.02 -6.90
N ASN A 101 -3.75 11.84 -6.31
CA ASN A 101 -2.84 10.81 -6.77
C ASN A 101 -3.23 10.15 -8.09
N ILE A 102 -4.44 10.41 -8.58
CA ILE A 102 -4.87 9.83 -9.84
C ILE A 102 -3.98 10.29 -11.02
N PRO A 103 -3.83 11.61 -11.21
CA PRO A 103 -2.98 12.04 -12.33
C PRO A 103 -1.48 12.01 -11.99
N GLU A 104 -1.16 12.12 -10.70
CA GLU A 104 0.23 12.12 -10.25
C GLU A 104 0.91 10.77 -10.21
N LYS A 105 0.17 9.74 -9.83
CA LYS A 105 0.76 8.41 -9.71
C LYS A 105 0.11 7.30 -10.53
N TRP A 106 -1.19 7.11 -10.35
CA TRP A 106 -1.88 6.02 -11.03
C TRP A 106 -1.95 6.10 -12.54
N THR A 107 -2.25 7.26 -13.09
CA THR A 107 -2.33 7.39 -14.55
C THR A 107 -0.98 7.11 -15.20
N PRO A 108 0.12 7.71 -14.69
CA PRO A 108 1.42 7.44 -15.32
C PRO A 108 1.78 5.94 -15.26
N GLU A 109 1.48 5.29 -14.14
CA GLU A 109 1.80 3.87 -13.99
C GLU A 109 1.00 3.00 -14.97
N VAL A 110 -0.32 3.22 -14.99
CA VAL A 110 -1.18 2.43 -15.87
C VAL A 110 -0.90 2.65 -17.36
N LYS A 111 -0.68 3.90 -17.76
CA LYS A 111 -0.41 4.17 -19.17
C LYS A 111 0.95 3.62 -19.61
N HIS A 112 1.85 3.43 -18.66
CA HIS A 112 3.16 2.88 -18.98
C HIS A 112 3.08 1.38 -19.23
N PHE A 113 2.44 0.66 -18.30
CA PHE A 113 2.32 -0.79 -18.40
C PHE A 113 1.12 -1.28 -19.22
N CYS A 114 0.09 -0.44 -19.33
CA CYS A 114 -1.11 -0.84 -20.06
C CYS A 114 -1.47 0.17 -21.15
N PRO A 115 -0.58 0.37 -22.13
CA PRO A 115 -0.89 1.34 -23.18
C PRO A 115 -2.09 0.89 -24.02
N ASN A 116 -3.03 1.82 -24.21
CA ASN A 116 -4.23 1.56 -25.00
C ASN A 116 -5.33 0.75 -24.32
N VAL A 117 -5.16 0.46 -23.03
CA VAL A 117 -6.18 -0.27 -22.29
C VAL A 117 -7.15 0.77 -21.72
N PRO A 118 -8.46 0.56 -21.92
CA PRO A 118 -9.43 1.53 -21.40
C PRO A 118 -9.43 1.65 -19.88
N ILE A 119 -9.61 2.88 -19.40
CA ILE A 119 -9.62 3.18 -17.98
C ILE A 119 -10.98 3.74 -17.56
N ILE A 120 -11.53 3.18 -16.49
CA ILE A 120 -12.79 3.69 -15.94
C ILE A 120 -12.36 4.36 -14.64
N LEU A 121 -12.60 5.66 -14.51
CA LEU A 121 -12.25 6.36 -13.28
C LEU A 121 -13.44 6.16 -12.36
N VAL A 122 -13.18 5.61 -11.18
CA VAL A 122 -14.23 5.32 -10.22
C VAL A 122 -14.10 6.06 -8.90
N GLY A 123 -15.17 6.74 -8.50
CA GLY A 123 -15.20 7.45 -7.24
C GLY A 123 -15.96 6.58 -6.24
N ASN A 124 -15.23 6.03 -5.26
CA ASN A 124 -15.84 5.17 -4.24
C ASN A 124 -16.36 5.93 -3.02
N LYS A 125 -17.10 5.20 -2.18
CA LYS A 125 -17.66 5.72 -0.95
C LYS A 125 -18.55 6.96 -1.14
N LYS A 126 -19.40 6.92 -2.16
CA LYS A 126 -20.29 8.03 -2.46
C LYS A 126 -21.22 8.35 -1.28
N ASP A 127 -21.47 7.35 -0.45
CA ASP A 127 -22.34 7.51 0.72
C ASP A 127 -21.79 8.49 1.74
N LEU A 128 -20.50 8.80 1.64
CA LEU A 128 -19.86 9.71 2.59
C LEU A 128 -19.87 11.18 2.17
N ARG A 129 -20.28 11.46 0.93
CA ARG A 129 -20.30 12.83 0.45
C ARG A 129 -21.09 13.78 1.35
N ASN A 130 -22.25 13.34 1.83
CA ASN A 130 -23.06 14.19 2.70
C ASN A 130 -23.04 13.75 4.16
N ASP A 131 -22.05 12.94 4.51
CA ASP A 131 -21.90 12.45 5.88
C ASP A 131 -21.29 13.57 6.73
N GLU A 132 -22.00 13.99 7.77
CA GLU A 132 -21.50 15.07 8.62
C GLU A 132 -20.20 14.77 9.34
N HIS A 133 -20.03 13.53 9.80
CA HIS A 133 -18.79 13.16 10.47
C HIS A 133 -17.64 13.33 9.48
N THR A 134 -17.83 12.84 8.26
CA THR A 134 -16.82 12.95 7.22
C THR A 134 -16.49 14.41 6.93
N ARG A 135 -17.52 15.24 6.82
CA ARG A 135 -17.30 16.65 6.53
C ARG A 135 -16.52 17.34 7.65
N ARG A 136 -16.84 17.01 8.90
CA ARG A 136 -16.14 17.60 10.04
C ARG A 136 -14.67 17.22 10.05
N GLU A 137 -14.38 15.95 9.77
CA GLU A 137 -13.00 15.47 9.77
C GLU A 137 -12.18 16.11 8.64
N LEU A 138 -12.75 16.16 7.45
CA LEU A 138 -12.04 16.76 6.33
C LEU A 138 -11.81 18.25 6.57
N ALA A 139 -12.74 18.90 7.26
CA ALA A 139 -12.62 20.32 7.56
C ALA A 139 -11.40 20.63 8.43
N LYS A 140 -10.96 19.64 9.21
CA LYS A 140 -9.79 19.82 10.06
C LYS A 140 -8.54 20.02 9.22
N MET A 141 -8.58 19.52 7.98
CA MET A 141 -7.46 19.63 7.06
C MET A 141 -7.80 20.65 5.98
N LYS A 142 -8.85 21.44 6.22
CA LYS A 142 -9.29 22.45 5.27
C LYS A 142 -9.72 21.83 3.95
N GLN A 143 -10.31 20.64 4.02
CA GLN A 143 -10.77 19.93 2.82
C GLN A 143 -12.26 19.63 2.90
N GLU A 144 -12.79 19.08 1.83
CA GLU A 144 -14.20 18.70 1.75
C GLU A 144 -14.32 17.54 0.76
N PRO A 145 -15.44 16.81 0.81
CA PRO A 145 -15.61 15.69 -0.12
C PRO A 145 -15.50 16.10 -1.58
N VAL A 146 -15.03 15.17 -2.41
CA VAL A 146 -14.88 15.42 -3.84
C VAL A 146 -16.27 15.62 -4.46
N LYS A 147 -16.38 16.61 -5.33
CA LYS A 147 -17.65 16.90 -6.01
C LYS A 147 -17.72 16.13 -7.32
N PRO A 148 -18.93 15.78 -7.78
CA PRO A 148 -19.12 15.03 -9.03
C PRO A 148 -18.40 15.64 -10.22
N GLU A 149 -18.50 16.95 -10.37
CA GLU A 149 -17.87 17.64 -11.48
C GLU A 149 -16.35 17.50 -11.46
N GLU A 150 -15.77 17.35 -10.27
CA GLU A 150 -14.32 17.20 -10.14
C GLU A 150 -13.91 15.83 -10.68
N GLY A 151 -14.73 14.82 -10.38
CA GLY A 151 -14.44 13.48 -10.85
C GLY A 151 -14.53 13.43 -12.37
N ARG A 152 -15.59 14.03 -12.91
CA ARG A 152 -15.78 14.05 -14.37
C ARG A 152 -14.64 14.79 -15.05
N ASP A 153 -14.23 15.92 -14.47
CA ASP A 153 -13.15 16.71 -15.03
C ASP A 153 -11.86 15.90 -15.07
N MET A 154 -11.58 15.19 -13.98
CA MET A 154 -10.37 14.38 -13.91
C MET A 154 -10.40 13.27 -14.96
N ALA A 155 -11.57 12.66 -15.15
CA ALA A 155 -11.72 11.60 -16.13
C ALA A 155 -11.34 12.11 -17.52
N ASN A 156 -11.79 13.32 -17.86
CA ASN A 156 -11.48 13.90 -19.16
C ASN A 156 -9.98 14.20 -19.26
N ARG A 157 -9.42 14.73 -18.18
CA ARG A 157 -8.01 15.09 -18.13
C ARG A 157 -7.07 13.90 -18.37
N ILE A 158 -7.40 12.75 -17.79
CA ILE A 158 -6.55 11.57 -17.95
C ILE A 158 -6.93 10.68 -19.14
N GLY A 159 -7.96 11.08 -19.88
CA GLY A 159 -8.38 10.30 -21.02
C GLY A 159 -9.11 9.02 -20.68
N ALA A 160 -9.84 9.02 -19.57
CA ALA A 160 -10.59 7.84 -19.17
C ALA A 160 -11.76 7.60 -20.12
N PHE A 161 -12.18 6.35 -20.22
CA PHE A 161 -13.31 5.98 -21.07
C PHE A 161 -14.58 6.59 -20.46
N GLY A 162 -14.63 6.63 -19.13
CA GLY A 162 -15.78 7.18 -18.45
C GLY A 162 -15.52 7.37 -16.97
N TYR A 163 -16.48 8.00 -16.29
CA TYR A 163 -16.41 8.25 -14.86
C TYR A 163 -17.66 7.69 -14.22
N MET A 164 -17.49 7.03 -13.07
N MET A 164 -17.50 7.01 -13.07
CA MET A 164 -18.61 6.45 -12.36
CA MET A 164 -18.65 6.42 -12.38
C MET A 164 -18.41 6.59 -10.86
C MET A 164 -18.44 6.49 -10.87
N GLU A 165 -19.48 6.88 -10.14
CA GLU A 165 -19.43 6.99 -8.69
C GLU A 165 -20.24 5.85 -8.12
N CYS A 166 -19.83 5.33 -6.97
CA CYS A 166 -20.55 4.24 -6.35
C CYS A 166 -20.32 4.17 -4.85
N SER A 167 -21.11 3.31 -4.20
CA SER A 167 -20.98 3.06 -2.78
C SER A 167 -21.12 1.56 -2.57
N ALA A 168 -20.02 0.89 -2.27
CA ALA A 168 -20.08 -0.55 -2.05
C ALA A 168 -20.92 -0.81 -0.80
N LYS A 169 -20.86 0.14 0.15
CA LYS A 169 -21.59 -0.01 1.39
C LYS A 169 -23.11 -0.03 1.20
N THR A 170 -23.62 0.85 0.33
CA THR A 170 -25.05 0.90 0.07
C THR A 170 -25.41 0.16 -1.22
N LYS A 171 -24.38 -0.24 -1.96
CA LYS A 171 -24.51 -0.95 -3.23
C LYS A 171 -24.89 -0.04 -4.39
N ASP A 172 -25.12 1.23 -4.08
CA ASP A 172 -25.50 2.22 -5.09
C ASP A 172 -24.46 2.38 -6.19
N GLY A 173 -24.88 2.13 -7.43
CA GLY A 173 -24.00 2.29 -8.58
C GLY A 173 -22.94 1.23 -8.82
N VAL A 174 -22.93 0.16 -8.04
CA VAL A 174 -21.94 -0.89 -8.19
C VAL A 174 -22.01 -1.63 -9.53
N ARG A 175 -23.20 -2.13 -9.91
CA ARG A 175 -23.27 -2.84 -11.17
C ARG A 175 -22.93 -1.92 -12.34
N GLU A 176 -23.33 -0.65 -12.25
CA GLU A 176 -23.06 0.31 -13.32
C GLU A 176 -21.56 0.44 -13.60
N VAL A 177 -20.75 0.37 -12.56
CA VAL A 177 -19.30 0.45 -12.71
C VAL A 177 -18.80 -0.68 -13.60
N PHE A 178 -19.22 -1.90 -13.27
CA PHE A 178 -18.78 -3.07 -14.01
C PHE A 178 -19.43 -3.18 -15.40
N GLU A 179 -20.62 -2.60 -15.54
CA GLU A 179 -21.31 -2.59 -16.82
C GLU A 179 -20.49 -1.70 -17.76
N MET A 180 -20.06 -0.54 -17.28
CA MET A 180 -19.26 0.36 -18.09
C MET A 180 -17.90 -0.24 -18.42
N ALA A 181 -17.27 -0.88 -17.43
CA ALA A 181 -15.97 -1.49 -17.65
C ALA A 181 -16.05 -2.58 -18.71
N THR A 182 -17.12 -3.36 -18.66
CA THR A 182 -17.32 -4.45 -19.61
C THR A 182 -17.55 -3.89 -21.01
N ARG A 183 -18.36 -2.84 -21.12
CA ARG A 183 -18.60 -2.23 -22.43
C ARG A 183 -17.32 -1.65 -23.01
N ALA A 184 -16.50 -1.06 -22.14
CA ALA A 184 -15.23 -0.47 -22.58
C ALA A 184 -14.32 -1.56 -23.14
N ALA A 185 -14.27 -2.70 -22.45
CA ALA A 185 -13.45 -3.81 -22.88
C ALA A 185 -13.93 -4.35 -24.23
N LEU A 186 -15.24 -4.51 -24.38
CA LEU A 186 -15.81 -5.01 -25.63
C LEU A 186 -15.57 -4.03 -26.77
N GLN A 187 -15.79 -2.75 -26.53
CA GLN A 187 -15.63 -1.72 -27.54
C GLN A 187 -14.17 -1.55 -27.99
N ALA A 188 -13.25 -1.70 -27.06
CA ALA A 188 -11.83 -1.54 -27.37
C ALA A 188 -11.30 -2.69 -28.24
N ARG A 189 -11.96 -3.83 -28.17
CA ARG A 189 -11.54 -5.01 -28.93
C ARG A 189 -12.36 -5.23 -30.20
N ARG A 190 -13.46 -4.49 -30.32
CA ARG A 190 -14.34 -4.61 -31.48
C ARG A 190 -13.59 -4.44 -32.81
N GLY A 191 -13.59 -5.49 -33.61
CA GLY A 191 -12.92 -5.44 -34.90
C GLY A 191 -11.41 -5.57 -34.82
N LYS A 192 -10.88 -5.79 -33.63
CA LYS A 192 -9.45 -5.93 -33.44
C LYS A 192 -9.08 -7.31 -32.92
N GLU A 217 19.77 6.49 -3.00
CA GLU A 217 20.13 6.22 -1.61
C GLU A 217 21.28 5.22 -1.49
N GLY A 218 22.20 5.51 -0.59
CA GLY A 218 23.32 4.61 -0.38
C GLY A 218 22.93 3.52 0.59
N MET A 219 23.91 2.94 1.26
CA MET A 219 23.68 1.89 2.23
C MET A 219 23.26 2.48 3.57
N LEU A 220 22.52 1.70 4.35
CA LEU A 220 22.06 2.14 5.67
C LEU A 220 23.19 2.73 6.51
N ALA A 221 24.36 2.07 6.46
CA ALA A 221 25.51 2.51 7.23
C ALA A 221 25.92 3.95 6.98
N ASP A 222 25.55 4.48 5.82
CA ASP A 222 25.89 5.86 5.48
C ASP A 222 24.93 6.90 6.08
N PHE A 223 23.87 6.41 6.72
CA PHE A 223 22.87 7.29 7.31
C PHE A 223 22.76 7.23 8.84
N VAL A 224 23.38 6.23 9.46
CA VAL A 224 23.27 6.07 10.91
C VAL A 224 24.15 6.93 11.82
N SER A 225 23.76 6.98 13.08
CA SER A 225 24.50 7.73 14.09
C SER A 225 25.85 7.07 14.35
N GLN A 226 26.74 7.77 15.02
CA GLN A 226 28.11 7.31 15.28
C GLN A 226 28.32 5.99 16.04
N THR A 227 27.45 5.67 16.97
CA THR A 227 27.61 4.42 17.70
C THR A 227 26.26 3.94 18.23
N SER A 228 26.26 2.87 19.01
CA SER A 228 25.04 2.30 19.56
C SER A 228 24.22 3.32 20.36
N PRO A 229 22.91 3.44 20.08
CA PRO A 229 22.11 2.71 19.08
C PRO A 229 22.34 3.39 17.73
N MET A 230 22.75 2.61 16.72
CA MET A 230 23.02 3.13 15.38
C MET A 230 21.74 3.21 14.54
N ILE A 231 21.18 4.41 14.45
CA ILE A 231 19.93 4.64 13.74
C ILE A 231 20.00 5.94 12.93
N PRO A 232 19.33 6.00 11.76
CA PRO A 232 19.38 7.24 10.98
C PRO A 232 18.51 8.33 11.62
N SER A 233 18.94 9.57 11.51
N SER A 233 18.95 9.57 11.51
CA SER A 233 18.18 10.67 12.08
CA SER A 233 18.21 10.69 12.06
C SER A 233 16.79 10.77 11.47
C SER A 233 16.80 10.77 11.46
N ILE A 234 16.68 10.49 10.17
CA ILE A 234 15.38 10.56 9.51
C ILE A 234 14.41 9.54 10.10
N VAL A 235 14.92 8.36 10.49
CA VAL A 235 14.06 7.34 11.10
C VAL A 235 13.59 7.80 12.49
N VAL A 236 14.52 8.33 13.28
CA VAL A 236 14.18 8.80 14.62
C VAL A 236 13.14 9.92 14.54
N HIS A 237 13.39 10.90 13.66
CA HIS A 237 12.47 12.03 13.50
C HIS A 237 11.08 11.61 13.02
N CYS A 238 11.01 10.74 12.01
CA CYS A 238 9.71 10.29 11.51
C CYS A 238 8.94 9.55 12.59
N VAL A 239 9.61 8.61 13.25
CA VAL A 239 8.96 7.83 14.30
C VAL A 239 8.45 8.73 15.42
N ASN A 240 9.26 9.70 15.86
CA ASN A 240 8.83 10.59 16.93
C ASN A 240 7.62 11.43 16.51
N GLU A 241 7.62 11.90 15.27
CA GLU A 241 6.52 12.71 14.77
C GLU A 241 5.23 11.89 14.67
N ILE A 242 5.36 10.66 14.20
CA ILE A 242 4.22 9.77 14.05
C ILE A 242 3.61 9.35 15.38
N GLU A 243 4.46 9.11 16.38
CA GLU A 243 3.94 8.72 17.69
C GLU A 243 3.29 9.91 18.37
N GLN A 244 3.63 11.11 17.92
CA GLN A 244 3.07 12.32 18.48
C GLN A 244 1.74 12.71 17.82
N ARG A 245 1.62 12.49 16.52
CA ARG A 245 0.42 12.87 15.78
C ARG A 245 -0.34 11.79 15.02
N GLY A 246 0.07 10.54 15.10
CA GLY A 246 -0.63 9.53 14.33
C GLY A 246 -1.23 8.31 15.00
N LEU A 247 -0.99 8.10 16.29
CA LEU A 247 -1.52 6.92 16.95
C LEU A 247 -3.05 6.90 17.12
N THR A 248 -3.70 8.03 16.84
CA THR A 248 -5.15 8.08 16.96
C THR A 248 -5.77 8.02 15.57
N GLU A 249 -4.92 7.86 14.55
CA GLU A 249 -5.38 7.81 13.17
C GLU A 249 -5.58 6.40 12.62
N THR A 250 -6.74 6.19 11.99
CA THR A 250 -7.05 4.90 11.39
C THR A 250 -6.18 4.66 10.17
N GLY A 251 -5.69 3.45 10.03
CA GLY A 251 -4.88 3.11 8.87
C GLY A 251 -3.45 3.62 8.77
N LEU A 252 -2.79 3.89 9.89
CA LEU A 252 -1.41 4.33 9.84
C LEU A 252 -0.60 3.29 9.05
N TYR A 253 0.19 3.77 8.09
CA TYR A 253 1.03 2.95 7.22
C TYR A 253 0.27 2.24 6.10
N ARG A 254 -1.06 2.20 6.21
CA ARG A 254 -1.86 1.59 5.15
C ARG A 254 -2.24 2.70 4.16
N ILE A 255 -2.50 3.88 4.70
CA ILE A 255 -2.88 5.03 3.90
C ILE A 255 -1.63 5.82 3.55
N ASP A 256 -1.43 6.08 2.27
N ASP A 256 -1.44 6.10 2.27
CA ASP A 256 -0.27 6.86 1.84
CA ASP A 256 -0.29 6.86 1.83
C ASP A 256 -0.66 8.32 1.70
C ASP A 256 -0.67 8.32 1.71
N GLY A 257 0.33 9.20 1.81
CA GLY A 257 0.03 10.61 1.68
C GLY A 257 0.03 10.94 0.20
N CYS A 258 -0.07 12.24 -0.11
N CYS A 258 -0.05 12.24 -0.10
CA CYS A 258 -0.06 12.65 -1.50
CA CYS A 258 -0.04 12.70 -1.47
C CYS A 258 1.32 12.31 -2.05
C CYS A 258 1.32 12.35 -2.07
N ASP A 259 1.33 11.68 -3.21
CA ASP A 259 2.58 11.28 -3.87
C ASP A 259 3.53 12.46 -4.02
N ARG A 260 2.99 13.61 -4.41
CA ARG A 260 3.79 14.82 -4.60
C ARG A 260 4.46 15.27 -3.30
N THR A 261 3.70 15.26 -2.20
CA THR A 261 4.23 15.68 -0.92
C THR A 261 5.39 14.80 -0.48
N VAL A 262 5.24 13.49 -0.62
CA VAL A 262 6.29 12.56 -0.24
C VAL A 262 7.53 12.79 -1.11
N LYS A 263 7.32 12.98 -2.41
CA LYS A 263 8.43 13.21 -3.32
C LYS A 263 9.21 14.47 -2.95
N GLU A 264 8.48 15.52 -2.58
CA GLU A 264 9.11 16.79 -2.21
C GLU A 264 9.94 16.63 -0.93
N LEU A 265 9.39 15.91 0.05
CA LEU A 265 10.09 15.69 1.31
C LEU A 265 11.35 14.86 1.08
N LYS A 266 11.24 13.84 0.24
CA LYS A 266 12.37 12.97 -0.03
C LYS A 266 13.46 13.74 -0.77
N GLU A 267 13.04 14.55 -1.75
CA GLU A 267 13.96 15.36 -2.54
C GLU A 267 14.77 16.28 -1.64
N LYS A 268 14.08 16.97 -0.74
CA LYS A 268 14.75 17.90 0.18
C LYS A 268 15.75 17.19 1.08
N PHE A 269 15.34 16.05 1.65
CA PHE A 269 16.20 15.29 2.54
C PHE A 269 17.52 14.88 1.90
N LEU A 270 17.44 14.29 0.71
CA LEU A 270 18.64 13.83 0.01
C LEU A 270 19.50 14.97 -0.55
N ARG A 271 18.90 16.14 -0.72
CA ARG A 271 19.63 17.30 -1.25
C ARG A 271 20.22 18.19 -0.16
N VAL A 272 19.41 18.51 0.84
CA VAL A 272 19.86 19.36 1.95
C VAL A 272 20.64 18.55 2.98
N LYS A 273 20.47 17.23 2.93
CA LYS A 273 21.16 16.30 3.83
C LYS A 273 20.55 16.21 5.22
N THR A 274 19.89 17.28 5.66
CA THR A 274 19.27 17.30 6.98
C THR A 274 17.78 16.94 6.85
N VAL A 275 17.19 16.49 7.96
CA VAL A 275 15.78 16.11 7.95
C VAL A 275 14.88 17.33 7.81
N PRO A 276 13.94 17.29 6.87
CA PRO A 276 13.02 18.42 6.67
C PRO A 276 12.20 18.64 7.95
N LEU A 277 11.64 19.82 8.11
CA LEU A 277 10.83 20.13 9.29
C LEU A 277 9.49 19.40 9.16
N LEU A 278 9.40 18.24 9.78
CA LEU A 278 8.20 17.41 9.73
C LEU A 278 6.98 18.01 10.42
N SER A 279 7.20 18.93 11.35
CA SER A 279 6.10 19.55 12.07
C SER A 279 5.24 20.40 11.13
N LYS A 280 5.81 20.78 9.99
CA LYS A 280 5.09 21.59 9.02
C LYS A 280 4.25 20.77 8.05
N VAL A 281 4.35 19.45 8.13
CA VAL A 281 3.58 18.57 7.25
C VAL A 281 2.26 18.24 7.93
N ASP A 282 1.18 18.79 7.39
CA ASP A 282 -0.15 18.59 7.96
C ASP A 282 -0.67 17.15 7.96
N ASP A 283 -0.41 16.41 6.89
CA ASP A 283 -0.86 15.03 6.80
C ASP A 283 0.17 14.05 7.36
N ILE A 284 -0.11 13.49 8.52
CA ILE A 284 0.81 12.56 9.15
C ILE A 284 1.05 11.33 8.28
N HIS A 285 0.10 10.98 7.43
CA HIS A 285 0.27 9.82 6.56
C HIS A 285 1.43 10.02 5.60
N ALA A 286 1.72 11.28 5.28
CA ALA A 286 2.83 11.58 4.37
C ALA A 286 4.15 11.27 5.07
N ILE A 287 4.19 11.43 6.39
CA ILE A 287 5.40 11.14 7.16
C ILE A 287 5.58 9.62 7.19
N CYS A 288 4.48 8.88 7.33
CA CYS A 288 4.56 7.42 7.35
C CYS A 288 5.11 6.95 6.00
N SER A 289 4.61 7.55 4.92
CA SER A 289 5.06 7.20 3.58
C SER A 289 6.54 7.55 3.38
N LEU A 290 6.96 8.68 3.94
CA LEU A 290 8.36 9.10 3.82
C LEU A 290 9.27 8.08 4.49
N LEU A 291 8.91 7.63 5.68
CA LEU A 291 9.71 6.65 6.41
C LEU A 291 9.82 5.34 5.62
N LYS A 292 8.70 4.85 5.10
CA LYS A 292 8.71 3.62 4.32
C LYS A 292 9.52 3.78 3.04
N ASP A 293 9.41 4.94 2.40
CA ASP A 293 10.14 5.20 1.18
C ASP A 293 11.64 5.19 1.44
N PHE A 294 12.06 5.85 2.52
CA PHE A 294 13.48 5.88 2.87
C PHE A 294 14.03 4.46 3.04
N LEU A 295 13.32 3.64 3.82
CA LEU A 295 13.75 2.28 4.07
C LEU A 295 13.76 1.40 2.82
N ARG A 296 12.68 1.47 2.06
CA ARG A 296 12.55 0.65 0.86
C ARG A 296 13.60 0.95 -0.21
N ASN A 297 14.04 2.21 -0.29
CA ASN A 297 15.00 2.60 -1.30
C ASN A 297 16.48 2.57 -0.92
N LEU A 298 16.80 1.94 0.21
CA LEU A 298 18.19 1.82 0.62
C LEU A 298 18.86 0.93 -0.42
N LYS A 299 20.18 1.03 -0.57
CA LYS A 299 20.91 0.23 -1.56
C LYS A 299 20.61 -1.26 -1.40
N GLU A 300 20.44 -1.69 -0.15
CA GLU A 300 20.10 -3.08 0.13
C GLU A 300 19.03 -2.98 1.22
N PRO A 301 18.11 -3.96 1.30
CA PRO A 301 17.07 -3.91 2.31
C PRO A 301 17.59 -3.93 3.74
N LEU A 302 16.76 -3.47 4.67
CA LEU A 302 17.12 -3.42 6.08
C LEU A 302 17.62 -4.78 6.59
N LEU A 303 17.00 -5.87 6.14
CA LEU A 303 17.44 -7.19 6.58
C LEU A 303 18.64 -7.75 5.80
N THR A 304 19.09 -6.98 4.81
CA THR A 304 20.24 -7.30 3.94
C THR A 304 20.01 -8.38 2.89
N PHE A 305 20.80 -8.34 1.82
CA PHE A 305 20.70 -9.34 0.76
C PHE A 305 21.21 -10.68 1.28
N ARG A 306 22.32 -10.62 2.00
CA ARG A 306 22.97 -11.80 2.55
C ARG A 306 22.08 -12.69 3.43
N LEU A 307 21.21 -12.06 4.23
CA LEU A 307 20.34 -12.82 5.12
C LEU A 307 18.89 -12.94 4.66
N ASN A 308 18.55 -12.41 3.49
CA ASN A 308 17.18 -12.48 3.00
C ASN A 308 16.60 -13.89 3.08
N ARG A 309 17.30 -14.86 2.51
CA ARG A 309 16.83 -16.25 2.54
C ARG A 309 16.78 -16.82 3.97
N ALA A 310 17.79 -16.52 4.78
CA ALA A 310 17.83 -17.01 6.15
C ALA A 310 16.60 -16.55 6.94
N PHE A 311 16.21 -15.29 6.73
CA PHE A 311 15.03 -14.76 7.41
C PHE A 311 13.76 -15.43 6.94
N MET A 312 13.59 -15.60 5.63
CA MET A 312 12.40 -16.25 5.09
C MET A 312 12.29 -17.69 5.57
N GLU A 313 13.41 -18.40 5.56
CA GLU A 313 13.44 -19.78 5.99
C GLU A 313 13.10 -19.93 7.47
N ALA A 314 13.62 -19.04 8.30
CA ALA A 314 13.35 -19.07 9.72
C ALA A 314 11.87 -18.87 9.99
N ALA A 315 11.25 -17.92 9.28
CA ALA A 315 9.84 -17.63 9.46
C ALA A 315 8.91 -18.73 8.94
N GLU A 316 9.40 -19.53 7.99
CA GLU A 316 8.60 -20.59 7.39
C GLU A 316 8.61 -21.90 8.19
N ILE A 317 9.43 -21.97 9.24
CA ILE A 317 9.48 -23.18 10.06
C ILE A 317 8.14 -23.34 10.77
N THR A 318 7.50 -24.50 10.57
CA THR A 318 6.21 -24.79 11.18
C THR A 318 6.19 -24.70 12.70
N ASP A 319 7.15 -25.36 13.35
CA ASP A 319 7.22 -25.33 14.81
C ASP A 319 7.55 -23.94 15.31
N GLU A 320 6.66 -23.37 16.12
CA GLU A 320 6.86 -22.03 16.65
C GLU A 320 8.15 -21.83 17.43
N ASP A 321 8.42 -22.72 18.38
CA ASP A 321 9.64 -22.59 19.18
C ASP A 321 10.89 -22.62 18.30
N ASN A 322 10.90 -23.51 17.32
CA ASN A 322 12.03 -23.62 16.40
C ASN A 322 12.12 -22.40 15.49
N SER A 323 10.97 -21.89 15.07
CA SER A 323 10.93 -20.72 14.21
C SER A 323 11.48 -19.52 14.97
N ILE A 324 11.02 -19.35 16.20
CA ILE A 324 11.47 -18.25 17.04
C ILE A 324 12.98 -18.31 17.26
N ALA A 325 13.49 -19.49 17.57
CA ALA A 325 14.93 -19.64 17.79
C ALA A 325 15.71 -19.27 16.53
N ALA A 326 15.20 -19.69 15.37
CA ALA A 326 15.86 -19.38 14.09
C ALA A 326 15.82 -17.89 13.79
N MET A 327 14.76 -17.21 14.21
N MET A 327 14.75 -17.23 14.21
CA MET A 327 14.66 -15.78 13.94
CA MET A 327 14.61 -15.80 14.00
C MET A 327 15.65 -15.02 14.82
C MET A 327 15.63 -15.03 14.83
N TYR A 328 15.78 -15.43 16.09
CA TYR A 328 16.73 -14.78 16.99
C TYR A 328 18.13 -14.95 16.41
N GLN A 329 18.40 -16.12 15.85
CA GLN A 329 19.70 -16.40 15.27
C GLN A 329 19.96 -15.47 14.08
N ALA A 330 18.95 -15.29 13.22
CA ALA A 330 19.08 -14.43 12.06
C ALA A 330 19.31 -12.97 12.46
N VAL A 331 18.55 -12.48 13.44
CA VAL A 331 18.72 -11.11 13.89
C VAL A 331 20.13 -10.91 14.44
N GLY A 332 20.64 -11.94 15.13
CA GLY A 332 21.97 -11.86 15.70
C GLY A 332 23.08 -11.82 14.66
N GLU A 333 22.75 -12.14 13.42
CA GLU A 333 23.74 -12.13 12.33
C GLU A 333 23.78 -10.80 11.59
N LEU A 334 22.79 -9.94 11.85
CA LEU A 334 22.73 -8.64 11.19
C LEU A 334 23.84 -7.69 11.61
N PRO A 335 24.23 -6.79 10.71
CA PRO A 335 25.28 -5.82 11.04
C PRO A 335 24.65 -4.91 12.13
N GLN A 336 25.47 -4.27 12.95
CA GLN A 336 24.97 -3.41 14.02
C GLN A 336 23.93 -2.36 13.59
N ALA A 337 24.23 -1.63 12.53
CA ALA A 337 23.33 -0.59 12.03
C ALA A 337 21.95 -1.14 11.70
N ASN A 338 21.92 -2.28 11.01
CA ASN A 338 20.66 -2.90 10.63
C ASN A 338 19.89 -3.42 11.85
N ARG A 339 20.59 -4.04 12.79
CA ARG A 339 19.95 -4.56 13.99
C ARG A 339 19.33 -3.45 14.84
N ASP A 340 20.08 -2.39 15.09
CA ASP A 340 19.58 -1.29 15.91
C ASP A 340 18.43 -0.54 15.24
N THR A 341 18.53 -0.31 13.93
CA THR A 341 17.47 0.38 13.21
C THR A 341 16.22 -0.49 13.20
N LEU A 342 16.41 -1.80 13.00
CA LEU A 342 15.29 -2.74 13.00
C LEU A 342 14.61 -2.74 14.37
N ALA A 343 15.42 -2.80 15.42
CA ALA A 343 14.89 -2.82 16.79
C ALA A 343 14.04 -1.59 17.08
N PHE A 344 14.55 -0.42 16.69
CA PHE A 344 13.86 0.84 16.89
C PHE A 344 12.50 0.81 16.17
N LEU A 345 12.52 0.31 14.93
CA LEU A 345 11.30 0.22 14.12
C LEU A 345 10.30 -0.78 14.72
N MET A 346 10.78 -1.92 15.19
CA MET A 346 9.89 -2.93 15.75
C MET A 346 9.18 -2.42 17.00
N ILE A 347 9.91 -1.71 17.86
CA ILE A 347 9.31 -1.16 19.06
C ILE A 347 8.20 -0.19 18.66
N HIS A 348 8.49 0.65 17.66
CA HIS A 348 7.50 1.61 17.18
C HIS A 348 6.27 0.92 16.59
N LEU A 349 6.48 -0.06 15.72
CA LEU A 349 5.35 -0.74 15.11
C LEU A 349 4.52 -1.54 16.12
N GLN A 350 5.15 -2.02 17.19
CA GLN A 350 4.36 -2.74 18.20
C GLN A 350 3.40 -1.73 18.85
N ARG A 351 3.87 -0.49 19.03
CA ARG A 351 3.02 0.55 19.62
C ARG A 351 1.85 0.86 18.69
N VAL A 352 2.12 0.86 17.39
CA VAL A 352 1.08 1.13 16.41
C VAL A 352 0.02 0.04 16.50
N ALA A 353 0.46 -1.22 16.58
CA ALA A 353 -0.47 -2.35 16.66
C ALA A 353 -1.26 -2.37 17.96
N GLN A 354 -0.67 -1.82 19.02
CA GLN A 354 -1.31 -1.79 20.32
C GLN A 354 -2.32 -0.66 20.48
N SER A 355 -2.28 0.31 19.58
CA SER A 355 -3.23 1.41 19.64
C SER A 355 -4.59 0.92 19.18
N PRO A 356 -5.65 1.26 19.93
CA PRO A 356 -6.99 0.81 19.55
C PRO A 356 -7.63 1.61 18.42
N HIS A 357 -6.93 2.64 17.95
CA HIS A 357 -7.44 3.51 16.89
C HIS A 357 -6.94 3.20 15.48
N THR A 358 -5.73 2.68 15.37
CA THR A 358 -5.13 2.42 14.07
C THR A 358 -5.74 1.28 13.25
N LYS A 359 -6.26 0.26 13.91
CA LYS A 359 -6.83 -0.90 13.23
C LYS A 359 -5.74 -1.59 12.42
N MET A 360 -4.50 -1.38 12.82
CA MET A 360 -3.36 -1.99 12.13
C MET A 360 -2.62 -2.96 13.05
N ASP A 361 -3.14 -4.19 13.10
CA ASP A 361 -2.52 -5.21 13.93
C ASP A 361 -1.23 -5.72 13.28
N VAL A 362 -0.55 -6.63 13.96
CA VAL A 362 0.70 -7.18 13.45
C VAL A 362 0.55 -7.76 12.04
N ALA A 363 -0.51 -8.51 11.80
CA ALA A 363 -0.71 -9.10 10.47
C ALA A 363 -0.84 -8.03 9.38
N ASN A 364 -1.59 -6.97 9.66
CA ASN A 364 -1.77 -5.88 8.70
C ASN A 364 -0.44 -5.16 8.43
N LEU A 365 0.29 -4.84 9.50
CA LEU A 365 1.57 -4.16 9.34
C LEU A 365 2.57 -5.02 8.57
N ALA A 366 2.54 -6.32 8.78
CA ALA A 366 3.45 -7.23 8.08
C ALA A 366 3.20 -7.21 6.58
N LYS A 367 1.94 -7.09 6.18
CA LYS A 367 1.60 -7.05 4.76
C LYS A 367 2.14 -5.78 4.10
N VAL A 368 2.09 -4.67 4.81
CA VAL A 368 2.58 -3.42 4.26
C VAL A 368 4.11 -3.32 4.24
N PHE A 369 4.76 -3.79 5.32
CA PHE A 369 6.21 -3.70 5.42
C PHE A 369 7.03 -4.81 4.77
N GLY A 370 6.38 -5.88 4.33
CA GLY A 370 7.11 -6.98 3.70
C GLY A 370 8.06 -6.56 2.60
N PRO A 371 7.57 -5.85 1.56
CA PRO A 371 8.44 -5.42 0.47
C PRO A 371 9.41 -4.32 0.88
N THR A 372 9.09 -3.64 1.98
CA THR A 372 9.91 -2.54 2.43
C THR A 372 11.13 -2.87 3.27
N ILE A 373 11.03 -3.88 4.14
CA ILE A 373 12.21 -4.22 4.93
C ILE A 373 12.80 -5.59 4.61
N VAL A 374 12.01 -6.47 4.00
CA VAL A 374 12.50 -7.79 3.63
C VAL A 374 13.00 -7.75 2.18
N ALA A 375 12.13 -7.32 1.28
CA ALA A 375 12.46 -7.22 -0.13
C ALA A 375 12.97 -8.54 -0.72
N HIS A 376 14.06 -8.46 -1.49
CA HIS A 376 14.60 -9.64 -2.15
C HIS A 376 16.07 -9.90 -1.83
N ALA A 377 16.60 -11.02 -2.34
CA ALA A 377 17.98 -11.40 -2.10
C ALA A 377 18.96 -10.79 -3.10
N VAL A 378 18.43 -10.22 -4.18
CA VAL A 378 19.25 -9.59 -5.21
C VAL A 378 18.63 -8.26 -5.62
N PRO A 379 19.44 -7.37 -6.23
CA PRO A 379 19.00 -6.05 -6.68
C PRO A 379 17.85 -6.06 -7.69
N ASN A 380 17.95 -6.91 -8.70
CA ASN A 380 16.93 -6.99 -9.74
C ASN A 380 16.49 -8.41 -10.05
N PRO A 381 15.68 -9.01 -9.18
CA PRO A 381 15.20 -10.38 -9.40
C PRO A 381 14.24 -10.44 -10.59
N ASP A 382 14.19 -11.59 -11.25
CA ASP A 382 13.29 -11.74 -12.39
C ASP A 382 11.85 -11.90 -11.89
N PRO A 383 10.86 -11.77 -12.79
CA PRO A 383 9.46 -11.90 -12.38
C PRO A 383 9.11 -13.19 -11.63
N VAL A 384 9.66 -14.31 -12.07
CA VAL A 384 9.40 -15.57 -11.38
C VAL A 384 9.83 -15.47 -9.91
N THR A 385 11.03 -14.95 -9.68
CA THR A 385 11.55 -14.81 -8.32
C THR A 385 10.73 -13.82 -7.52
N MET A 386 10.37 -12.70 -8.13
N MET A 386 10.37 -12.70 -8.13
CA MET A 386 9.57 -11.68 -7.45
CA MET A 386 9.57 -11.67 -7.47
C MET A 386 8.28 -12.29 -6.92
C MET A 386 8.28 -12.29 -6.93
N SER A 387 7.60 -13.06 -7.77
CA SER A 387 6.36 -13.70 -7.36
C SER A 387 6.58 -14.72 -6.24
N GLN A 388 7.62 -15.53 -6.39
CA GLN A 388 7.94 -16.53 -5.37
C GLN A 388 8.15 -15.89 -3.99
N ASP A 389 8.74 -14.69 -3.98
CA ASP A 389 9.02 -14.01 -2.71
C ASP A 389 7.84 -13.36 -2.01
N ILE A 390 6.78 -13.04 -2.75
CA ILE A 390 5.62 -12.37 -2.17
C ILE A 390 5.06 -12.97 -0.89
N LYS A 391 4.68 -14.25 -0.93
CA LYS A 391 4.10 -14.91 0.24
C LYS A 391 5.07 -15.04 1.41
N ARG A 392 6.37 -15.05 1.12
CA ARG A 392 7.38 -15.22 2.15
C ARG A 392 7.71 -13.98 2.98
N GLN A 393 7.50 -12.79 2.42
CA GLN A 393 7.84 -11.56 3.13
C GLN A 393 7.04 -11.23 4.38
N PRO A 394 5.70 -11.25 4.31
CA PRO A 394 4.92 -10.92 5.51
C PRO A 394 5.22 -11.80 6.72
N LYS A 395 5.47 -13.09 6.47
CA LYS A 395 5.76 -14.03 7.55
C LYS A 395 6.98 -13.57 8.36
N VAL A 396 7.99 -13.06 7.66
CA VAL A 396 9.19 -12.58 8.32
C VAL A 396 8.87 -11.42 9.25
N VAL A 397 8.13 -10.44 8.75
CA VAL A 397 7.78 -9.28 9.56
C VAL A 397 6.87 -9.66 10.73
N GLU A 398 5.92 -10.56 10.51
CA GLU A 398 5.05 -10.97 11.60
C GLU A 398 5.86 -11.60 12.73
N ARG A 399 6.81 -12.46 12.37
N ARG A 399 6.81 -12.46 12.38
CA ARG A 399 7.65 -13.12 13.35
CA ARG A 399 7.62 -13.10 13.39
C ARG A 399 8.51 -12.13 14.13
C ARG A 399 8.50 -12.11 14.14
N LEU A 400 9.07 -11.15 13.42
CA LEU A 400 9.91 -10.14 14.06
C LEU A 400 9.08 -9.28 15.02
N LEU A 401 7.89 -8.89 14.58
CA LEU A 401 7.02 -8.08 15.42
C LEU A 401 6.52 -8.80 16.66
N SER A 402 6.51 -10.13 16.61
N SER A 402 6.51 -10.13 16.61
CA SER A 402 6.04 -10.94 17.72
CA SER A 402 6.04 -10.94 17.74
C SER A 402 7.13 -11.21 18.77
C SER A 402 7.12 -11.19 18.78
N LEU A 403 8.36 -10.83 18.48
CA LEU A 403 9.45 -11.03 19.43
C LEU A 403 9.19 -10.00 20.54
N PRO A 404 9.43 -10.39 21.80
CA PRO A 404 9.22 -9.56 22.99
C PRO A 404 9.79 -8.14 22.98
N LEU A 405 9.02 -7.21 23.54
CA LEU A 405 9.43 -5.82 23.64
C LEU A 405 10.74 -5.75 24.43
N GLU A 406 10.84 -6.59 25.46
CA GLU A 406 12.03 -6.63 26.30
C GLU A 406 13.26 -6.96 25.47
N TYR A 407 13.08 -7.83 24.47
CA TYR A 407 14.18 -8.22 23.60
C TYR A 407 14.68 -7.05 22.76
N TRP A 408 13.75 -6.40 22.05
CA TRP A 408 14.12 -5.27 21.21
C TRP A 408 14.66 -4.09 22.02
N SER A 409 14.09 -3.85 23.19
CA SER A 409 14.50 -2.75 24.05
C SER A 409 15.95 -2.79 24.51
N GLN A 410 16.52 -3.99 24.62
CA GLN A 410 17.89 -4.11 25.07
C GLN A 410 18.83 -3.34 24.14
N PHE A 411 18.51 -3.32 22.85
CA PHE A 411 19.34 -2.64 21.88
C PHE A 411 19.23 -1.12 21.96
N MET A 412 18.16 -0.65 22.61
CA MET A 412 17.95 0.78 22.81
C MET A 412 18.52 1.16 24.18
N MET A 413 19.00 0.15 24.90
CA MET A 413 19.58 0.32 26.23
C MET A 413 18.65 0.94 27.25
N VAL A 414 17.40 0.46 27.25
CA VAL A 414 16.38 0.94 28.18
C VAL A 414 15.68 -0.26 28.83
#